data_9DQ4
#
_entry.id   9DQ4
#
_cell.length_a   82.314
_cell.length_b   152.778
_cell.length_c   48.012
_cell.angle_alpha   90.00
_cell.angle_beta   90.00
_cell.angle_gamma   90.00
#
_symmetry.space_group_name_H-M   'P 21 21 2'
#
loop_
_entity.id
_entity.type
_entity.pdbx_description
1 polymer 'Cytotoxic T-lymphocyte protein 4'
2 polymer 'mipi.4 heavy chain'
3 polymer 'mipi.4 light chain'
4 branched beta-D-mannopyranose-(1-4)-2-acetamido-2-deoxy-beta-D-glucopyranose-(1-4)-[alpha-L-fucopyranose-(1-6)]2-acetamido-2-deoxy-beta-D-glucopyranose
5 water water
#
loop_
_entity_poly.entity_id
_entity_poly.type
_entity_poly.pdbx_seq_one_letter_code
_entity_poly.pdbx_strand_id
1 'polypeptide(L)'
;EAIQVTQPSVVLASSHGVASFPCEYSPSHNTDEVRVTVLRQTNDQMTEVCATTFTEKNTVGFLDYPFCSGTFNESRVNLT
IQGLRAVDTGLYLCKVELMYPPPYFVGMGNGTQIYVIDGHHHHHH
;
A
2 'polypeptide(L)'
;QVQLVESGGGVVQPGRSLRLSCAASGFTFSKYVMHWVRQAPGKGLEWVTGISYDGRHKYYADSVKGRFTISRDNSKNTLY
LQMNSLRAEDTAIYYCARTGWLGPFDYWGQGTLVTVSSASTKGPSVFPLAPSSKSTSGGTAALGCLVKDYFPEPVTVSWN
SGALTSGVHTFPAVLQSSGLYSLSSVVTVPSSSLGTQTYICNVNHKPSNTKVDKRVEPKSCGGHHHHHH
;
H
3 'polypeptide(L)'
;EIVLTQSPGTLSLSPGERATLSCRQSQSVGWSPLAWYQQKPGQAPRLLIYGAFSRATGIPDRFSGSGSGTDFTLTISRLE
PEDFAVYYCQQYGQSPWTFGQGTKVEIKRTVAAPSVFIFPPSDEQLKSGTASVVCLLNNFYPREAKVQWKVDNALQSGNS
QESVTEQDSKDSTYSLSSTLTLSKADYEKHKVYACEVTHQGLSSPVTKSFNRGEC
;
L
#
loop_
_chem_comp.id
_chem_comp.type
_chem_comp.name
_chem_comp.formula
BMA D-saccharide, beta linking beta-D-mannopyranose 'C6 H12 O6'
FUC L-saccharide, alpha linking alpha-L-fucopyranose 'C6 H12 O5'
NAG D-saccharide, beta linking 2-acetamido-2-deoxy-beta-D-glucopyranose 'C8 H15 N O6'
#
# COMPACT_ATOMS: atom_id res chain seq x y z
N ILE A 3 2.52 -10.41 23.40
CA ILE A 3 2.17 -10.61 24.84
C ILE A 3 0.70 -10.94 25.05
N GLN A 4 0.47 -11.86 25.96
CA GLN A 4 -0.86 -12.28 26.37
C GLN A 4 -1.17 -11.59 27.69
N VAL A 5 -2.24 -10.80 27.71
CA VAL A 5 -2.72 -10.13 28.90
C VAL A 5 -3.87 -10.95 29.50
N THR A 6 -3.75 -11.28 30.79
CA THR A 6 -4.81 -11.99 31.49
C THR A 6 -5.41 -11.13 32.59
N GLN A 7 -6.73 -11.15 32.67
CA GLN A 7 -7.50 -10.46 33.70
C GLN A 7 -8.74 -11.31 33.96
N PRO A 8 -9.32 -11.24 35.16
CA PRO A 8 -10.45 -12.13 35.49
C PRO A 8 -11.69 -11.79 34.68
N SER A 9 -12.46 -12.83 34.35
CA SER A 9 -13.67 -12.64 33.57
C SER A 9 -14.65 -11.72 34.28
N VAL A 10 -14.77 -11.85 35.60
CA VAL A 10 -15.78 -11.11 36.34
C VAL A 10 -15.26 -10.81 37.73
N VAL A 11 -15.55 -9.60 38.23
CA VAL A 11 -15.31 -9.24 39.62
C VAL A 11 -16.54 -8.51 40.14
N LEU A 12 -16.74 -8.61 41.45
CA LEU A 12 -17.78 -7.89 42.16
C LEU A 12 -17.20 -6.71 42.91
N ALA A 13 -17.71 -5.53 42.61
CA ALA A 13 -17.32 -4.35 43.37
C ALA A 13 -17.91 -4.43 44.78
N SER A 14 -17.21 -3.80 45.72
CA SER A 14 -17.65 -3.74 47.11
C SER A 14 -18.91 -2.90 47.24
N SER A 15 -19.49 -2.97 48.44
CA SER A 15 -20.60 -2.11 48.80
C SER A 15 -20.27 -0.66 48.52
N HIS A 16 -19.07 -0.25 48.85
CA HIS A 16 -18.57 1.11 48.73
C HIS A 16 -18.06 1.46 47.34
N GLY A 17 -18.30 0.61 46.35
CA GLY A 17 -18.03 0.94 44.97
C GLY A 17 -16.59 0.79 44.57
N VAL A 18 -15.87 -0.18 45.11
CA VAL A 18 -14.45 -0.40 44.84
C VAL A 18 -14.29 -1.81 44.25
N ALA A 19 -13.75 -1.88 43.04
CA ALA A 19 -13.43 -3.15 42.39
C ALA A 19 -11.91 -3.27 42.32
N SER A 20 -11.39 -4.43 42.67
CA SER A 20 -9.97 -4.71 42.56
C SER A 20 -9.75 -5.99 41.78
N PHE A 21 -8.80 -5.96 40.86
CA PHE A 21 -8.49 -7.17 40.10
C PHE A 21 -7.09 -7.05 39.53
N PRO A 22 -6.42 -8.18 39.30
CA PRO A 22 -5.10 -8.15 38.67
C PRO A 22 -5.21 -8.17 37.16
N CYS A 23 -4.18 -7.60 36.55
CA CYS A 23 -3.96 -7.66 35.13
C CYS A 23 -2.50 -8.04 34.94
N GLU A 24 -2.23 -9.10 34.19
CA GLU A 24 -0.91 -9.74 34.15
C GLU A 24 -0.56 -9.99 32.70
N TYR A 25 0.73 -9.92 32.37
CA TYR A 25 1.16 -10.20 31.01
C TYR A 25 2.27 -11.24 30.98
N SER A 26 2.36 -11.93 29.86
CA SER A 26 3.40 -12.91 29.64
C SER A 26 3.72 -12.94 28.15
N PRO A 27 4.95 -13.29 27.76
CA PRO A 27 6.10 -13.54 28.61
C PRO A 27 6.69 -12.22 29.05
N SER A 28 7.71 -12.33 29.88
CA SER A 28 8.34 -11.16 30.49
C SER A 28 9.51 -10.78 29.60
N HIS A 29 9.20 -10.01 28.57
CA HIS A 29 10.23 -9.39 27.72
C HIS A 29 10.96 -8.31 28.48
N ASN A 30 12.23 -8.10 28.13
CA ASN A 30 12.96 -6.96 28.71
C ASN A 30 12.24 -5.62 28.43
N THR A 31 11.95 -4.89 29.51
CA THR A 31 11.42 -3.54 29.34
C THR A 31 11.73 -2.72 30.58
N ASP A 32 11.83 -1.40 30.40
CA ASP A 32 12.04 -0.48 31.50
C ASP A 32 10.81 0.32 31.88
N GLU A 33 9.75 0.25 31.08
CA GLU A 33 8.62 1.14 31.28
C GLU A 33 7.39 0.41 30.79
N VAL A 34 6.42 0.20 31.68
CA VAL A 34 5.16 -0.44 31.30
C VAL A 34 3.99 0.50 31.53
N ARG A 35 3.18 0.63 30.50
CA ARG A 35 2.08 1.57 30.46
C ARG A 35 0.82 0.73 30.53
N VAL A 36 -0.03 1.02 31.51
CA VAL A 36 -1.28 0.30 31.70
C VAL A 36 -2.44 1.25 31.48
N THR A 37 -3.46 0.81 30.74
CA THR A 37 -4.65 1.59 30.50
C THR A 37 -5.84 0.72 30.82
N VAL A 38 -6.84 1.30 31.47
CA VAL A 38 -8.11 0.63 31.69
C VAL A 38 -9.08 1.33 30.74
N LEU A 39 -9.73 0.56 29.88
CA LEU A 39 -10.71 1.08 28.95
C LEU A 39 -12.07 0.45 29.22
N ARG A 40 -13.12 1.25 29.12
CA ARG A 40 -14.47 0.76 29.31
C ARG A 40 -15.21 0.71 27.99
N GLN A 41 -15.78 -0.45 27.68
CA GLN A 41 -16.48 -0.69 26.42
C GLN A 41 -17.99 -0.47 26.43
N MET A 46 -15.29 2.97 22.98
CA MET A 46 -14.31 2.76 24.03
C MET A 46 -14.01 4.08 24.74
N THR A 47 -14.07 4.07 26.07
CA THR A 47 -13.71 5.23 26.87
C THR A 47 -12.49 4.88 27.70
N GLU A 48 -11.64 5.88 27.93
CA GLU A 48 -10.48 5.73 28.78
C GLU A 48 -10.86 6.00 30.24
N VAL A 49 -10.72 4.98 31.08
CA VAL A 49 -10.96 5.13 32.51
C VAL A 49 -9.74 5.76 33.20
N CYS A 50 -8.56 5.17 32.99
CA CYS A 50 -7.33 5.68 33.55
C CYS A 50 -6.16 5.05 32.82
N ALA A 51 -5.01 5.68 32.97
CA ALA A 51 -3.77 5.23 32.34
C ALA A 51 -2.61 5.66 33.23
N THR A 52 -1.55 4.88 33.22
CA THR A 52 -0.37 5.24 34.00
C THR A 52 0.83 4.50 33.45
N THR A 53 2.01 5.01 33.78
CA THR A 53 3.27 4.40 33.38
C THR A 53 4.03 3.97 34.63
N PHE A 54 4.41 2.70 34.68
CA PHE A 54 5.22 2.17 35.77
C PHE A 54 6.67 2.07 35.33
N THR A 55 7.55 2.50 36.22
CA THR A 55 8.99 2.37 36.04
C THR A 55 9.62 1.87 37.34
N VAL A 60 3.65 2.58 42.15
CA VAL A 60 2.27 2.96 42.53
C VAL A 60 1.72 4.09 41.65
N GLY A 61 0.69 3.79 40.89
CA GLY A 61 0.34 4.61 39.75
C GLY A 61 -1.02 5.27 39.72
N PHE A 62 -1.34 5.81 38.55
CA PHE A 62 -2.65 6.43 38.28
C PHE A 62 -2.83 7.72 39.08
N LEU A 63 -1.75 8.48 39.21
CA LEU A 63 -1.85 9.74 39.93
C LEU A 63 -2.70 10.78 39.20
N ASP A 64 -2.86 10.69 37.87
CA ASP A 64 -3.74 11.62 37.18
C ASP A 64 -5.22 11.25 37.26
N TYR A 65 -5.55 10.18 38.00
CA TYR A 65 -6.87 9.57 37.93
C TYR A 65 -7.35 9.21 39.33
N PRO A 66 -8.07 10.10 39.99
CA PRO A 66 -8.49 9.81 41.38
C PRO A 66 -9.26 8.50 41.55
N PHE A 67 -9.98 8.03 40.54
CA PHE A 67 -10.75 6.82 40.72
C PHE A 67 -9.95 5.53 40.55
N CYS A 68 -8.70 5.61 40.12
CA CYS A 68 -7.89 4.44 39.85
C CYS A 68 -6.63 4.49 40.70
N SER A 69 -6.21 3.34 41.20
CA SER A 69 -4.91 3.18 41.80
C SER A 69 -4.35 1.82 41.40
N GLY A 70 -3.06 1.62 41.60
CA GLY A 70 -2.47 0.36 41.23
C GLY A 70 -1.02 0.26 41.60
N THR A 71 -0.59 -0.97 41.81
CA THR A 71 0.80 -1.29 42.11
C THR A 71 1.26 -2.35 41.11
N PHE A 72 2.54 -2.31 40.75
CA PHE A 72 3.07 -3.18 39.70
C PHE A 72 4.29 -3.94 40.16
N ASN A 73 4.23 -5.26 40.07
CA ASN A 73 5.29 -6.17 40.49
C ASN A 73 5.42 -7.30 39.48
N GLU A 74 6.66 -7.57 39.11
CA GLU A 74 6.95 -8.66 38.20
C GLU A 74 6.37 -8.35 36.82
N SER A 75 5.22 -8.97 36.52
CA SER A 75 4.49 -8.72 35.29
C SER A 75 3.01 -8.58 35.58
N ARG A 76 2.66 -8.10 36.77
CA ARG A 76 1.28 -8.07 37.20
C ARG A 76 0.97 -6.75 37.88
N VAL A 77 -0.10 -6.10 37.45
CA VAL A 77 -0.59 -4.90 38.10
C VAL A 77 -1.81 -5.27 38.93
N ASN A 78 -1.84 -4.79 40.16
CA ASN A 78 -3.01 -4.94 41.02
C ASN A 78 -3.81 -3.66 40.90
N LEU A 79 -4.89 -3.70 40.12
CA LEU A 79 -5.70 -2.54 39.84
C LEU A 79 -6.76 -2.38 40.93
N THR A 80 -7.08 -1.12 41.25
CA THR A 80 -8.23 -0.79 42.08
C THR A 80 -8.98 0.35 41.39
N ILE A 81 -10.27 0.15 41.16
CA ILE A 81 -11.14 1.18 40.60
C ILE A 81 -12.21 1.50 41.65
N GLN A 82 -12.30 2.75 42.03
CA GLN A 82 -13.18 3.20 43.10
C GLN A 82 -14.19 4.19 42.52
N GLY A 83 -15.13 4.60 43.36
CA GLY A 83 -16.17 5.51 42.95
C GLY A 83 -17.22 4.91 42.06
N LEU A 84 -17.29 3.58 41.99
CA LEU A 84 -18.20 2.91 41.08
C LEU A 84 -19.62 2.92 41.64
N ARG A 85 -20.58 3.04 40.72
CA ARG A 85 -22.00 2.97 41.00
C ARG A 85 -22.64 1.93 40.09
N ALA A 86 -23.91 1.62 40.31
CA ALA A 86 -24.52 0.52 39.57
C ALA A 86 -24.48 0.77 38.07
N VAL A 87 -24.60 2.03 37.64
CA VAL A 87 -24.58 2.33 36.22
C VAL A 87 -23.20 2.08 35.62
N ASP A 88 -22.17 2.03 36.46
CA ASP A 88 -20.80 1.75 36.01
C ASP A 88 -20.55 0.27 35.72
N THR A 89 -21.49 -0.60 36.08
CA THR A 89 -21.40 -2.00 35.71
C THR A 89 -21.07 -2.11 34.24
N GLY A 90 -20.08 -2.94 33.91
CA GLY A 90 -19.70 -3.08 32.52
C GLY A 90 -18.37 -3.81 32.38
N LEU A 91 -17.88 -3.84 31.14
CA LEU A 91 -16.67 -4.59 30.81
C LEU A 91 -15.47 -3.64 30.76
N TYR A 92 -14.46 -3.93 31.54
CA TYR A 92 -13.30 -3.06 31.68
C TYR A 92 -12.09 -3.81 31.16
N LEU A 93 -11.54 -3.30 30.06
CA LEU A 93 -10.40 -3.92 29.42
C LEU A 93 -9.10 -3.39 30.02
N CYS A 94 -8.16 -4.32 30.21
CA CYS A 94 -6.81 -3.99 30.59
C CYS A 94 -5.91 -3.98 29.35
N LYS A 95 -5.23 -2.86 29.11
CA LYS A 95 -4.25 -2.75 28.05
C LYS A 95 -2.88 -2.60 28.69
N VAL A 96 -1.92 -3.38 28.21
CA VAL A 96 -0.55 -3.34 28.70
C VAL A 96 0.37 -3.03 27.53
N GLU A 97 1.25 -2.06 27.73
CA GLU A 97 2.31 -1.74 26.78
C GLU A 97 3.68 -1.86 27.42
N LEU A 98 4.63 -2.49 26.71
CA LEU A 98 6.04 -2.52 27.08
C LEU A 98 6.68 -1.45 26.21
N MET A 99 6.96 -0.27 26.79
CA MET A 99 7.20 0.89 25.96
C MET A 99 8.60 1.04 25.44
N TYR A 100 9.61 0.64 26.23
CA TYR A 100 11.02 0.96 25.91
C TYR A 100 11.88 0.11 26.84
N PRO A 101 13.01 -0.39 26.35
CA PRO A 101 13.57 -0.23 25.01
C PRO A 101 12.80 -1.11 24.04
N PRO A 102 12.98 -0.86 22.76
CA PRO A 102 12.25 -1.62 21.77
C PRO A 102 12.66 -3.09 21.79
N PRO A 103 11.80 -3.97 21.28
CA PRO A 103 10.52 -3.64 20.65
C PRO A 103 9.46 -3.15 21.60
N TYR A 104 8.64 -2.23 21.11
CA TYR A 104 7.35 -1.96 21.70
C TYR A 104 6.48 -3.21 21.61
N PHE A 105 5.74 -3.49 22.68
CA PHE A 105 4.75 -4.56 22.68
C PHE A 105 3.45 -3.97 23.24
N VAL A 106 2.31 -4.39 22.71
CA VAL A 106 1.02 -4.05 23.27
C VAL A 106 0.21 -5.34 23.37
N GLY A 107 -0.56 -5.46 24.45
CA GLY A 107 -1.51 -6.55 24.60
C GLY A 107 -2.80 -6.05 25.19
N MET A 108 -3.92 -6.58 24.73
CA MET A 108 -5.23 -6.32 25.28
C MET A 108 -5.74 -7.54 26.04
N GLY A 109 -6.15 -7.33 27.28
CA GLY A 109 -6.95 -8.32 27.96
C GLY A 109 -8.32 -8.47 27.32
N ASN A 110 -8.97 -9.57 27.68
CA ASN A 110 -10.32 -9.90 27.26
C ASN A 110 -11.41 -9.19 28.01
N GLY A 111 -11.06 -8.45 29.06
CA GLY A 111 -12.00 -7.66 29.80
C GLY A 111 -12.50 -8.34 31.07
N THR A 112 -12.68 -7.51 32.08
CA THR A 112 -13.24 -7.90 33.35
C THR A 112 -14.63 -7.27 33.49
N GLN A 113 -15.64 -8.11 33.60
CA GLN A 113 -16.98 -7.62 33.83
C GLN A 113 -17.09 -7.28 35.30
N ILE A 114 -17.37 -6.02 35.60
CA ILE A 114 -17.46 -5.56 36.98
C ILE A 114 -18.92 -5.34 37.27
N TYR A 115 -19.44 -6.04 38.28
CA TYR A 115 -20.79 -5.86 38.75
C TYR A 115 -20.77 -4.97 39.99
N VAL A 116 -21.55 -3.90 39.93
CA VAL A 116 -21.65 -2.92 40.99
C VAL A 116 -23.09 -2.87 41.44
N ILE A 117 -23.32 -2.98 42.76
CA ILE A 117 -24.65 -2.90 43.33
C ILE A 117 -24.74 -1.71 44.27
N ASP A 118 -25.76 -0.89 44.08
CA ASP A 118 -26.06 0.25 44.93
C ASP A 118 -26.76 -0.21 46.22
N GLN B 1 -14.69 15.83 13.47
CA GLN B 1 -14.29 14.59 12.72
C GLN B 1 -12.76 14.40 12.70
N VAL B 2 -12.32 13.15 12.77
CA VAL B 2 -10.88 12.88 12.77
C VAL B 2 -10.32 13.19 11.40
N GLN B 3 -9.32 14.05 11.35
CA GLN B 3 -8.61 14.28 10.13
C GLN B 3 -7.12 14.39 10.41
N LEU B 4 -6.36 13.94 9.43
CA LEU B 4 -4.92 13.97 9.40
C LEU B 4 -4.52 14.48 8.03
N VAL B 5 -3.67 15.50 7.97
CA VAL B 5 -3.32 16.14 6.72
C VAL B 5 -1.80 16.28 6.60
N GLU B 6 -1.22 15.53 5.68
CA GLU B 6 0.22 15.55 5.47
C GLU B 6 0.60 16.69 4.53
N SER B 7 1.83 17.18 4.69
CA SER B 7 2.36 18.18 3.77
C SER B 7 3.88 18.09 3.77
N GLY B 8 4.46 18.70 2.74
CA GLY B 8 5.90 18.79 2.62
C GLY B 8 6.55 17.96 1.54
N GLY B 9 5.81 17.06 0.90
CA GLY B 9 6.41 16.27 -0.13
C GLY B 9 6.80 17.08 -1.36
N GLY B 10 7.66 16.50 -2.16
CA GLY B 10 8.12 17.11 -3.39
C GLY B 10 9.34 16.37 -3.91
N VAL B 11 9.96 16.96 -4.93
CA VAL B 11 11.16 16.39 -5.54
C VAL B 11 12.39 16.84 -4.77
N VAL B 12 13.28 15.89 -4.44
CA VAL B 12 14.53 16.18 -3.74
C VAL B 12 15.65 15.30 -4.28
N GLN B 13 16.87 15.83 -4.30
CA GLN B 13 17.97 15.03 -4.81
C GLN B 13 18.51 14.08 -3.75
N PRO B 14 19.03 12.93 -4.17
CA PRO B 14 19.63 12.01 -3.21
C PRO B 14 20.65 12.75 -2.36
N GLY B 15 20.69 12.40 -1.07
CA GLY B 15 21.63 12.98 -0.14
C GLY B 15 21.08 14.14 0.66
N ARG B 16 20.01 14.78 0.19
CA ARG B 16 19.47 15.91 0.88
C ARG B 16 18.40 15.48 1.90
N SER B 17 17.82 16.50 2.53
CA SER B 17 16.86 16.36 3.61
C SER B 17 15.53 16.99 3.21
N LEU B 18 14.47 16.50 3.85
CA LEU B 18 13.11 16.97 3.66
C LEU B 18 12.39 16.72 4.97
N ARG B 19 11.54 17.65 5.37
CA ARG B 19 10.72 17.53 6.56
C ARG B 19 9.26 17.46 6.15
N LEU B 20 8.56 16.41 6.59
CA LEU B 20 7.14 16.28 6.39
C LEU B 20 6.40 16.67 7.66
N SER B 21 5.16 17.12 7.51
CA SER B 21 4.30 17.54 8.60
C SER B 21 2.98 16.82 8.44
N CYS B 22 2.40 16.45 9.57
CA CYS B 22 1.04 15.93 9.62
C CYS B 22 0.22 16.68 10.66
N ALA B 23 -0.83 17.37 10.21
CA ALA B 23 -1.70 18.16 11.08
C ALA B 23 -2.87 17.29 11.51
N ALA B 24 -3.02 17.11 12.82
CA ALA B 24 -4.07 16.26 13.40
C ALA B 24 -5.20 17.12 13.95
N SER B 25 -6.43 16.71 13.66
CA SER B 25 -7.62 17.39 14.12
C SER B 25 -8.65 16.36 14.54
N GLY B 26 -9.53 16.76 15.44
CA GLY B 26 -10.71 15.99 15.70
C GLY B 26 -10.56 14.91 16.73
N PHE B 27 -9.44 14.87 17.45
CA PHE B 27 -9.20 13.95 18.55
C PHE B 27 -8.15 14.56 19.46
N THR B 28 -8.02 13.96 20.64
CA THR B 28 -7.03 14.39 21.62
C THR B 28 -5.70 13.79 21.19
N PHE B 29 -4.92 14.56 20.41
CA PHE B 29 -3.71 14.06 19.75
C PHE B 29 -2.74 13.39 20.73
N SER B 30 -2.53 13.99 21.89
CA SER B 30 -1.60 13.45 22.90
C SER B 30 -1.98 12.09 23.47
N LYS B 31 -3.17 11.57 23.20
CA LYS B 31 -3.57 10.29 23.75
C LYS B 31 -3.37 9.16 22.77
N TYR B 32 -2.63 9.36 21.69
CA TYR B 32 -2.44 8.33 20.68
C TYR B 32 -1.00 8.23 20.19
N VAL B 33 -0.56 7.00 19.96
CA VAL B 33 0.66 6.74 19.24
C VAL B 33 0.48 7.11 17.77
N MET B 34 1.47 7.78 17.15
CA MET B 34 1.30 8.22 15.77
C MET B 34 2.41 7.61 14.93
N HIS B 35 2.16 7.42 13.63
CA HIS B 35 3.10 6.77 12.76
C HIS B 35 3.20 7.47 11.41
N TRP B 36 4.31 7.17 10.74
CA TRP B 36 4.47 7.34 9.31
C TRP B 36 4.54 5.95 8.70
N VAL B 37 3.81 5.79 7.62
CA VAL B 37 3.79 4.60 6.78
C VAL B 37 3.96 5.06 5.34
N ARG B 38 4.76 4.34 4.59
CA ARG B 38 5.00 4.73 3.20
C ARG B 38 4.68 3.62 2.21
N GLN B 39 4.50 4.03 0.97
CA GLN B 39 4.15 3.12 -0.12
C GLN B 39 4.88 3.58 -1.36
N ALA B 40 5.86 2.81 -1.76
CA ALA B 40 6.60 3.09 -2.98
C ALA B 40 5.75 2.76 -4.19
N PRO B 41 6.01 3.39 -5.34
CA PRO B 41 5.18 3.14 -6.52
C PRO B 41 5.01 1.67 -6.83
N GLY B 42 3.76 1.23 -6.94
CA GLY B 42 3.45 -0.13 -7.28
C GLY B 42 3.73 -1.16 -6.21
N LYS B 43 4.07 -0.74 -4.99
CA LYS B 43 4.41 -1.65 -3.91
C LYS B 43 3.37 -1.55 -2.79
N GLY B 44 3.59 -2.31 -1.72
CA GLY B 44 2.70 -2.33 -0.59
C GLY B 44 3.08 -1.32 0.47
N LEU B 45 2.51 -1.50 1.65
CA LEU B 45 2.65 -0.60 2.77
C LEU B 45 3.87 -0.97 3.58
N GLU B 46 4.67 0.02 3.92
CA GLU B 46 5.85 -0.17 4.74
C GLU B 46 5.84 0.81 5.92
N TRP B 47 5.71 0.29 7.14
CA TRP B 47 5.87 1.12 8.32
C TRP B 47 7.27 1.69 8.36
N VAL B 48 7.37 2.97 8.66
CA VAL B 48 8.61 3.70 8.70
C VAL B 48 9.03 4.02 10.13
N THR B 49 8.12 4.60 10.91
CA THR B 49 8.44 5.12 12.23
C THR B 49 7.17 5.48 12.98
N GLY B 50 7.26 5.34 14.29
CA GLY B 50 6.17 5.68 15.18
C GLY B 50 6.69 6.36 16.43
N ILE B 51 5.79 7.03 17.15
CA ILE B 51 6.19 7.84 18.28
C ILE B 51 5.12 7.76 19.37
N SER B 52 5.59 7.50 20.59
CA SER B 52 4.75 7.34 21.75
C SER B 52 3.98 8.63 22.07
N TYR B 53 2.97 8.45 22.93
CA TYR B 53 2.02 9.49 23.33
C TYR B 53 2.65 10.84 23.60
N ASP B 54 3.58 10.89 24.55
CA ASP B 54 4.16 12.17 24.97
C ASP B 54 5.44 12.50 24.22
N GLY B 55 5.79 11.72 23.17
CA GLY B 55 6.94 12.01 22.36
C GLY B 55 8.23 11.40 22.85
N ARG B 56 8.24 10.79 24.04
CA ARG B 56 9.49 10.35 24.63
C ARG B 56 10.10 9.16 23.89
N HIS B 57 9.28 8.26 23.34
CA HIS B 57 9.79 7.03 22.73
C HIS B 57 9.54 7.06 21.22
N LYS B 58 10.58 6.83 20.45
CA LYS B 58 10.55 6.83 18.99
C LYS B 58 11.01 5.46 18.54
N TYR B 59 10.25 4.89 17.60
CA TYR B 59 10.47 3.56 17.04
C TYR B 59 10.71 3.68 15.54
N TYR B 60 11.72 2.94 15.03
CA TYR B 60 12.12 3.07 13.64
C TYR B 60 12.25 1.72 12.95
N ALA B 61 11.80 1.65 11.72
CA ALA B 61 12.21 0.59 10.82
C ALA B 61 13.73 0.61 10.59
N ASP B 62 14.32 -0.58 10.51
CA ASP B 62 15.76 -0.67 10.28
C ASP B 62 16.15 0.15 9.05
N SER B 63 15.29 0.17 8.05
CA SER B 63 15.66 0.81 6.78
C SER B 63 15.95 2.31 6.95
N VAL B 64 15.41 2.94 7.99
CA VAL B 64 15.47 4.40 8.11
C VAL B 64 16.14 4.84 9.38
N LYS B 65 16.43 3.93 10.32
CA LYS B 65 17.08 4.29 11.56
C LYS B 65 18.42 4.91 11.22
N GLY B 66 18.72 6.04 11.83
CA GLY B 66 19.93 6.74 11.55
C GLY B 66 19.78 7.84 10.51
N ARG B 67 18.78 7.75 9.64
CA ARG B 67 18.58 8.78 8.63
C ARG B 67 17.32 9.60 8.82
N PHE B 68 16.24 8.99 9.30
CA PHE B 68 14.98 9.65 9.51
C PHE B 68 14.77 9.84 11.00
N THR B 69 14.14 10.94 11.39
CA THR B 69 13.79 11.17 12.78
C THR B 69 12.34 11.59 12.89
N ILE B 70 11.61 11.02 13.86
CA ILE B 70 10.22 11.38 14.09
C ILE B 70 10.12 12.25 15.35
N SER B 71 9.18 13.16 15.33
CA SER B 71 8.90 14.03 16.45
C SER B 71 7.45 14.47 16.43
N ARG B 72 6.99 14.98 17.55
CA ARG B 72 5.62 15.45 17.64
C ARG B 72 5.60 16.68 18.52
N ASP B 73 4.63 17.54 18.25
CA ASP B 73 4.43 18.72 19.06
C ASP B 73 2.98 18.66 19.53
N ASN B 74 2.79 18.35 20.81
CA ASN B 74 1.44 18.15 21.35
C ASN B 74 0.76 19.45 21.71
N SER B 75 1.45 20.58 21.61
CA SER B 75 0.74 21.83 21.85
C SER B 75 0.06 22.29 20.57
N LYS B 76 0.65 22.04 19.40
CA LYS B 76 0.03 22.42 18.15
C LYS B 76 -0.52 21.22 17.37
N ASN B 77 -0.44 20.03 17.94
CA ASN B 77 -1.09 18.84 17.37
C ASN B 77 -0.57 18.57 15.96
N THR B 78 0.76 18.41 15.88
CA THR B 78 1.44 18.12 14.65
C THR B 78 2.46 17.00 14.85
N LEU B 79 2.53 16.13 13.85
CA LEU B 79 3.54 15.09 13.74
C LEU B 79 4.51 15.47 12.62
N TYR B 80 5.82 15.19 12.81
CA TYR B 80 6.84 15.51 11.83
C TYR B 80 7.67 14.29 11.48
N LEU B 81 8.19 14.30 10.27
CA LEU B 81 9.18 13.34 9.81
C LEU B 81 10.33 14.10 9.20
N GLN B 82 11.46 14.05 9.88
CA GLN B 82 12.69 14.65 9.37
C GLN B 82 13.46 13.56 8.63
N MET B 83 13.58 13.71 7.31
CA MET B 83 14.21 12.76 6.44
C MET B 83 15.58 13.32 6.06
N ASN B 84 16.62 12.54 6.32
CA ASN B 84 17.97 12.91 5.91
C ASN B 84 18.54 11.79 5.05
N SER B 85 19.65 12.13 4.39
CA SER B 85 20.38 11.16 3.57
C SER B 85 19.42 10.36 2.67
N LEU B 86 18.52 11.09 2.03
CA LEU B 86 17.52 10.45 1.21
C LEU B 86 18.16 9.71 0.03
N ARG B 87 17.48 8.61 -0.33
CA ARG B 87 17.90 7.77 -1.44
C ARG B 87 16.75 7.51 -2.39
N ALA B 88 17.10 7.02 -3.58
CA ALA B 88 16.10 6.78 -4.61
C ALA B 88 14.98 5.90 -4.08
N GLU B 89 15.35 4.85 -3.33
CA GLU B 89 14.39 3.89 -2.84
C GLU B 89 13.45 4.49 -1.80
N ASP B 90 13.72 5.71 -1.30
CA ASP B 90 12.79 6.34 -0.37
C ASP B 90 11.65 7.06 -1.07
N THR B 91 11.60 7.02 -2.41
CA THR B 91 10.49 7.60 -3.15
C THR B 91 9.23 6.84 -2.82
N ALA B 92 8.19 7.57 -2.41
CA ALA B 92 7.00 6.91 -1.94
C ALA B 92 5.98 7.96 -1.57
N ILE B 93 4.75 7.50 -1.43
CA ILE B 93 3.72 8.26 -0.73
C ILE B 93 3.90 8.05 0.76
N TYR B 94 3.96 9.14 1.52
CA TYR B 94 4.16 9.09 2.97
C TYR B 94 2.84 9.44 3.61
N TYR B 95 2.27 8.49 4.37
CA TYR B 95 1.02 8.64 5.08
C TYR B 95 1.27 8.82 6.59
N CYS B 96 0.47 9.68 7.21
CA CYS B 96 0.43 9.79 8.66
C CYS B 96 -0.77 8.95 9.14
N ALA B 97 -0.56 8.17 10.20
CA ALA B 97 -1.60 7.28 10.72
C ALA B 97 -1.69 7.33 12.22
N ARG B 98 -2.90 7.34 12.70
CA ARG B 98 -3.14 7.25 14.13
C ARG B 98 -3.30 5.78 14.52
N THR B 99 -2.81 5.45 15.71
CA THR B 99 -3.04 4.16 16.37
C THR B 99 -4.27 4.27 17.27
N GLY B 100 -5.29 3.48 16.97
CA GLY B 100 -6.38 3.40 17.90
C GLY B 100 -5.96 2.88 19.26
N TRP B 101 -6.78 3.15 20.25
CA TRP B 101 -6.42 2.74 21.61
C TRP B 101 -6.32 1.22 21.74
N LEU B 102 -7.00 0.47 20.90
CA LEU B 102 -6.94 -0.98 20.90
C LEU B 102 -5.80 -1.52 20.03
N GLY B 103 -5.04 -0.63 19.37
CA GLY B 103 -3.86 -1.02 18.65
C GLY B 103 -3.77 -0.86 17.13
N PRO B 104 -4.88 -0.93 16.36
CA PRO B 104 -4.75 -0.86 14.90
C PRO B 104 -4.59 0.60 14.45
N PHE B 105 -4.25 0.79 13.18
CA PHE B 105 -4.07 2.12 12.57
C PHE B 105 -5.42 2.56 12.03
N ASP B 106 -6.19 3.28 12.86
CA ASP B 106 -7.61 3.41 12.59
C ASP B 106 -7.95 4.60 11.71
N TYR B 107 -7.07 5.59 11.60
CA TYR B 107 -7.23 6.69 10.65
C TYR B 107 -5.91 7.00 9.98
N TRP B 108 -6.00 7.35 8.70
CA TRP B 108 -4.88 7.63 7.82
C TRP B 108 -5.12 8.93 7.06
N GLY B 109 -4.08 9.71 6.82
CA GLY B 109 -4.19 10.89 5.96
C GLY B 109 -4.23 10.45 4.50
N GLN B 110 -4.35 11.41 3.59
CA GLN B 110 -4.35 11.11 2.17
C GLN B 110 -2.94 10.93 1.65
N GLY B 111 -1.91 11.38 2.37
CA GLY B 111 -0.55 11.12 1.99
C GLY B 111 0.07 12.28 1.24
N THR B 112 1.40 12.30 1.22
CA THR B 112 2.14 13.31 0.49
C THR B 112 3.28 12.60 -0.24
N LEU B 113 3.50 12.96 -1.49
CA LEU B 113 4.44 12.22 -2.31
C LEU B 113 5.83 12.82 -2.20
N VAL B 114 6.82 11.97 -1.96
CA VAL B 114 8.22 12.32 -1.95
C VAL B 114 8.91 11.60 -3.09
N THR B 115 9.52 12.36 -4.00
CA THR B 115 10.29 11.82 -5.11
C THR B 115 11.74 12.18 -4.87
N VAL B 116 12.59 11.16 -4.79
CA VAL B 116 14.03 11.34 -4.62
C VAL B 116 14.70 11.00 -5.94
N SER B 117 15.17 12.01 -6.67
CA SER B 117 15.76 11.83 -7.98
C SER B 117 16.86 12.86 -8.20
N SER B 118 17.88 12.47 -8.95
CA SER B 118 18.86 13.38 -9.54
C SER B 118 18.39 14.00 -10.85
N ALA B 119 17.27 13.54 -11.42
CA ALA B 119 16.88 13.96 -12.77
C ALA B 119 16.46 15.41 -12.86
N SER B 120 16.64 15.98 -14.04
CA SER B 120 16.15 17.32 -14.33
C SER B 120 14.84 17.27 -15.10
N THR B 121 13.99 18.27 -14.86
CA THR B 121 12.74 18.34 -15.58
C THR B 121 12.97 18.39 -17.08
N LYS B 122 12.24 17.53 -17.80
CA LYS B 122 12.55 17.21 -19.19
C LYS B 122 11.28 16.68 -19.83
N GLY B 123 10.89 17.27 -20.95
CA GLY B 123 9.76 16.79 -21.72
C GLY B 123 10.11 15.55 -22.52
N PRO B 124 9.11 14.74 -22.84
CA PRO B 124 9.37 13.51 -23.56
C PRO B 124 9.67 13.71 -25.03
N SER B 125 10.41 12.74 -25.55
CA SER B 125 10.50 12.45 -26.98
C SER B 125 9.40 11.46 -27.31
N VAL B 126 8.71 11.69 -28.42
CA VAL B 126 7.54 10.91 -28.80
C VAL B 126 7.82 10.28 -30.14
N PHE B 127 7.78 8.95 -30.17
CA PHE B 127 8.09 8.22 -31.39
C PHE B 127 6.90 7.35 -31.80
N PRO B 128 6.67 7.16 -33.10
CA PRO B 128 5.54 6.33 -33.52
C PRO B 128 5.81 4.86 -33.31
N LEU B 129 4.75 4.15 -32.92
CA LEU B 129 4.65 2.69 -32.93
C LEU B 129 3.75 2.39 -34.13
N ALA B 130 4.40 2.15 -35.29
CA ALA B 130 3.69 2.21 -36.55
C ALA B 130 2.93 0.91 -36.81
N PRO B 131 1.69 1.01 -37.34
CA PRO B 131 0.88 -0.16 -37.67
C PRO B 131 1.59 -1.14 -38.66
N GLY B 139 -8.42 -8.50 -39.01
CA GLY B 139 -8.82 -7.25 -39.62
C GLY B 139 -8.65 -6.12 -38.62
N THR B 140 -7.80 -6.34 -37.62
CA THR B 140 -7.53 -5.36 -36.58
C THR B 140 -6.05 -5.01 -36.56
N ALA B 141 -5.77 -3.71 -36.51
CA ALA B 141 -4.41 -3.17 -36.52
C ALA B 141 -4.12 -2.50 -35.19
N ALA B 142 -2.90 -2.61 -34.70
CA ALA B 142 -2.46 -1.86 -33.53
C ALA B 142 -1.44 -0.79 -33.92
N LEU B 143 -1.53 0.35 -33.25
CA LEU B 143 -0.60 1.44 -33.46
C LEU B 143 -0.45 2.20 -32.15
N GLY B 144 0.50 3.11 -32.09
CA GLY B 144 0.71 3.80 -30.82
C GLY B 144 1.81 4.82 -30.88
N CYS B 145 2.07 5.41 -29.70
CA CYS B 145 3.15 6.35 -29.48
C CYS B 145 3.98 5.93 -28.27
N LEU B 146 5.28 5.96 -28.46
CA LEU B 146 6.25 5.72 -27.38
C LEU B 146 6.67 7.07 -26.81
N VAL B 147 6.44 7.28 -25.52
CA VAL B 147 6.62 8.57 -24.86
C VAL B 147 7.80 8.39 -23.93
N LYS B 148 9.00 8.78 -24.39
CA LYS B 148 10.23 8.34 -23.78
C LYS B 148 10.98 9.50 -23.13
N ASP B 149 11.61 9.20 -22.01
CA ASP B 149 12.61 10.04 -21.36
C ASP B 149 12.07 11.38 -20.90
N TYR B 150 11.10 11.34 -19.99
CA TYR B 150 10.61 12.56 -19.36
C TYR B 150 10.75 12.45 -17.85
N PHE B 151 10.64 13.61 -17.19
CA PHE B 151 10.68 13.72 -15.73
C PHE B 151 10.17 15.10 -15.36
N PRO B 152 9.41 15.24 -14.28
CA PRO B 152 8.84 14.20 -13.43
C PRO B 152 7.57 13.65 -14.03
N GLU B 153 6.85 12.81 -13.29
CA GLU B 153 5.52 12.45 -13.72
C GLU B 153 4.63 13.66 -13.43
N PRO B 154 3.50 13.79 -14.11
CA PRO B 154 2.90 12.87 -15.07
C PRO B 154 2.87 13.32 -16.48
N VAL B 155 2.54 12.43 -17.38
CA VAL B 155 2.29 12.77 -18.74
C VAL B 155 0.86 12.37 -19.04
N THR B 156 0.15 13.11 -19.89
CA THR B 156 -1.15 12.69 -20.37
C THR B 156 -1.08 12.41 -21.87
N VAL B 157 -1.90 11.48 -22.34
CA VAL B 157 -1.94 11.16 -23.77
C VAL B 157 -3.40 11.06 -24.18
N SER B 158 -3.76 11.74 -25.26
CA SER B 158 -5.02 11.50 -25.93
C SER B 158 -4.73 11.16 -27.38
N TRP B 159 -5.77 10.71 -28.07
CA TRP B 159 -5.69 10.36 -29.48
C TRP B 159 -6.73 11.19 -30.22
N ASN B 160 -6.30 11.77 -31.34
CA ASN B 160 -7.13 12.64 -32.15
C ASN B 160 -7.87 13.64 -31.28
N SER B 161 -7.12 14.29 -30.40
CA SER B 161 -7.61 15.38 -29.55
C SER B 161 -8.71 14.92 -28.62
N GLY B 162 -8.87 13.63 -28.43
CA GLY B 162 -9.83 13.09 -27.49
C GLY B 162 -10.95 12.35 -28.17
N ALA B 163 -11.03 12.44 -29.50
CA ALA B 163 -12.13 11.84 -30.26
C ALA B 163 -11.99 10.32 -30.41
N LEU B 164 -10.76 9.82 -30.33
CA LEU B 164 -10.48 8.40 -30.36
C LEU B 164 -10.23 7.92 -28.94
N THR B 165 -11.14 7.08 -28.42
CA THR B 165 -11.03 6.53 -27.07
C THR B 165 -11.21 5.03 -27.10
N SER B 166 -12.06 4.53 -27.99
CA SER B 166 -12.30 3.10 -28.06
C SER B 166 -11.00 2.37 -28.40
N GLY B 167 -10.66 1.39 -27.59
CA GLY B 167 -9.49 0.58 -27.84
C GLY B 167 -8.18 1.22 -27.45
N VAL B 168 -8.19 2.41 -26.86
CA VAL B 168 -6.95 3.04 -26.41
C VAL B 168 -6.54 2.44 -25.08
N HIS B 169 -5.25 2.16 -24.95
CA HIS B 169 -4.62 1.82 -23.69
C HIS B 169 -3.37 2.66 -23.55
N THR B 170 -3.34 3.50 -22.52
CA THR B 170 -2.15 4.23 -22.14
C THR B 170 -1.60 3.61 -20.87
N PHE B 171 -0.41 3.01 -21.00
CA PHE B 171 0.22 2.24 -19.92
C PHE B 171 0.76 3.15 -18.81
N PRO B 172 0.77 2.67 -17.57
CA PRO B 172 1.49 3.36 -16.50
C PRO B 172 2.95 3.54 -16.90
N ALA B 173 3.55 4.64 -16.43
CA ALA B 173 4.98 4.87 -16.68
C ALA B 173 5.83 3.83 -15.97
N VAL B 174 7.03 3.60 -16.55
CA VAL B 174 8.09 2.84 -15.90
C VAL B 174 9.24 3.80 -15.64
N LEU B 175 9.89 3.67 -14.48
CA LEU B 175 11.10 4.43 -14.22
C LEU B 175 12.28 3.69 -14.82
N GLN B 176 12.96 4.33 -15.76
CA GLN B 176 14.07 3.67 -16.39
C GLN B 176 15.32 3.77 -15.51
N SER B 177 16.32 2.96 -15.86
CA SER B 177 17.62 3.03 -15.19
C SER B 177 18.19 4.44 -15.18
N SER B 178 17.90 5.22 -16.22
CA SER B 178 18.42 6.59 -16.34
C SER B 178 17.81 7.55 -15.33
N GLY B 179 16.76 7.16 -14.62
CA GLY B 179 16.06 8.11 -13.81
C GLY B 179 14.95 8.83 -14.52
N LEU B 180 14.77 8.58 -15.80
CA LEU B 180 13.70 9.18 -16.57
C LEU B 180 12.58 8.17 -16.76
N TYR B 181 11.38 8.68 -16.91
CA TYR B 181 10.24 7.82 -17.12
C TYR B 181 10.00 7.59 -18.61
N SER B 182 9.26 6.52 -18.89
CA SER B 182 8.80 6.18 -20.22
C SER B 182 7.46 5.46 -20.14
N LEU B 183 6.62 5.70 -21.14
CA LEU B 183 5.40 4.91 -21.29
C LEU B 183 5.03 4.89 -22.76
N SER B 184 4.15 3.96 -23.11
CA SER B 184 3.52 3.90 -24.43
C SER B 184 2.02 4.06 -24.33
N SER B 185 1.43 4.61 -25.37
CA SER B 185 -0.01 4.65 -25.53
C SER B 185 -0.30 3.94 -26.85
N VAL B 186 -1.26 3.04 -26.84
CA VAL B 186 -1.57 2.18 -27.96
C VAL B 186 -3.08 2.22 -28.23
N VAL B 187 -3.45 1.88 -29.48
CA VAL B 187 -4.86 1.77 -29.83
C VAL B 187 -4.97 0.72 -30.93
N THR B 188 -6.05 -0.05 -30.88
CA THR B 188 -6.39 -0.99 -31.94
C THR B 188 -7.52 -0.40 -32.74
N VAL B 189 -7.46 -0.59 -34.06
CA VAL B 189 -8.46 0.00 -34.98
C VAL B 189 -8.67 -0.97 -36.14
N PRO B 190 -9.74 -0.75 -36.90
CA PRO B 190 -9.93 -1.51 -38.14
C PRO B 190 -8.72 -1.37 -39.05
N SER B 191 -8.15 -2.51 -39.46
CA SER B 191 -7.05 -2.42 -40.42
C SER B 191 -7.48 -1.71 -41.70
N SER B 192 -8.77 -1.75 -42.02
CA SER B 192 -9.23 -1.03 -43.21
C SER B 192 -9.11 0.49 -43.03
N SER B 193 -9.22 1.00 -41.80
CA SER B 193 -9.21 2.45 -41.62
C SER B 193 -7.82 3.04 -41.78
N LEU B 194 -6.79 2.21 -41.92
CA LEU B 194 -5.43 2.72 -41.90
C LEU B 194 -5.14 3.63 -43.09
N GLY B 195 -5.87 3.46 -44.19
CA GLY B 195 -5.66 4.29 -45.35
C GLY B 195 -6.64 5.43 -45.40
N THR B 196 -7.71 5.33 -44.59
CA THR B 196 -8.77 6.32 -44.59
C THR B 196 -8.60 7.38 -43.51
N GLN B 197 -8.21 6.98 -42.30
CA GLN B 197 -8.22 7.88 -41.16
C GLN B 197 -6.80 8.19 -40.68
N THR B 198 -6.63 9.40 -40.15
CA THR B 198 -5.37 9.84 -39.55
C THR B 198 -5.41 9.60 -38.04
N TYR B 199 -4.27 9.15 -37.52
CA TYR B 199 -4.13 8.87 -36.11
C TYR B 199 -3.00 9.68 -35.53
N ILE B 200 -3.33 10.55 -34.61
CA ILE B 200 -2.39 11.48 -34.02
C ILE B 200 -2.49 11.35 -32.51
N CYS B 201 -1.37 11.11 -31.85
CA CYS B 201 -1.35 11.13 -30.40
C CYS B 201 -0.95 12.49 -29.86
N ASN B 202 -1.64 12.92 -28.80
CA ASN B 202 -1.46 14.24 -28.18
C ASN B 202 -0.86 14.02 -26.80
N VAL B 203 0.39 14.39 -26.65
CA VAL B 203 1.18 14.18 -25.45
C VAL B 203 1.39 15.52 -24.76
N ASN B 204 0.99 15.61 -23.49
CA ASN B 204 1.14 16.85 -22.73
C ASN B 204 1.89 16.50 -21.46
N HIS B 205 3.01 17.16 -21.24
CA HIS B 205 3.83 17.01 -20.04
C HIS B 205 3.89 18.39 -19.40
N LYS B 206 2.91 18.65 -18.52
CA LYS B 206 2.78 19.99 -17.96
C LYS B 206 3.98 20.42 -17.12
N PRO B 207 4.69 19.55 -16.41
CA PRO B 207 5.88 20.02 -15.68
C PRO B 207 6.89 20.75 -16.55
N SER B 208 6.97 20.44 -17.84
CA SER B 208 7.90 21.08 -18.76
C SER B 208 7.20 21.96 -19.78
N ASN B 209 5.90 22.21 -19.60
CA ASN B 209 5.09 23.02 -20.51
C ASN B 209 5.13 22.52 -21.93
N THR B 210 5.41 21.22 -22.13
CA THR B 210 5.61 20.66 -23.45
C THR B 210 4.33 19.97 -23.91
N LYS B 211 3.99 20.18 -25.18
CA LYS B 211 2.85 19.52 -25.80
C LYS B 211 3.32 19.05 -27.16
N VAL B 212 3.24 17.75 -27.41
CA VAL B 212 3.65 17.15 -28.68
C VAL B 212 2.47 16.44 -29.31
N ASP B 213 2.20 16.75 -30.57
CA ASP B 213 1.28 16.00 -31.41
C ASP B 213 2.10 15.19 -32.41
N LYS B 214 1.90 13.87 -32.45
CA LYS B 214 2.66 13.02 -33.35
C LYS B 214 1.71 12.19 -34.18
N ARG B 215 1.85 12.30 -35.50
CA ARG B 215 1.08 11.49 -36.41
C ARG B 215 1.73 10.15 -36.60
N VAL B 216 0.92 9.11 -36.55
CA VAL B 216 1.41 7.74 -36.65
C VAL B 216 0.93 7.14 -37.96
N GLU B 217 1.87 6.88 -38.87
CA GLU B 217 1.58 6.40 -40.21
C GLU B 217 2.09 4.99 -40.42
N PRO B 218 1.45 4.21 -41.31
CA PRO B 218 2.04 2.94 -41.73
C PRO B 218 3.38 3.15 -42.41
N LYS B 219 4.26 2.16 -42.25
CA LYS B 219 5.61 2.15 -42.81
C LYS B 219 6.57 2.90 -41.89
N GLU C 1 10.84 -10.70 15.04
CA GLU C 1 10.13 -9.83 14.05
C GLU C 1 9.09 -10.61 13.24
N ILE C 2 7.88 -10.05 13.11
CA ILE C 2 6.74 -10.79 12.62
C ILE C 2 6.60 -10.57 11.12
N VAL C 3 6.60 -11.67 10.37
CA VAL C 3 6.41 -11.66 8.93
C VAL C 3 4.99 -12.17 8.65
N LEU C 4 4.27 -11.46 7.78
CA LEU C 4 2.95 -11.88 7.37
C LEU C 4 2.93 -12.24 5.89
N THR C 5 2.31 -13.37 5.59
CA THR C 5 2.15 -13.86 4.23
C THR C 5 0.69 -14.02 3.86
N GLN C 6 0.29 -13.32 2.81
CA GLN C 6 -1.09 -13.34 2.37
C GLN C 6 -1.25 -14.24 1.18
N SER C 7 -2.45 -14.84 1.12
CA SER C 7 -2.82 -15.68 0.00
C SER C 7 -4.31 -15.58 -0.25
N PRO C 8 -4.76 -15.72 -1.51
CA PRO C 8 -3.93 -15.80 -2.73
C PRO C 8 -3.36 -14.44 -3.07
N GLY C 9 -2.47 -14.33 -4.05
CA GLY C 9 -2.07 -13.01 -4.49
C GLY C 9 -3.22 -12.28 -5.10
N THR C 10 -4.03 -12.96 -5.90
CA THR C 10 -5.18 -12.36 -6.52
C THR C 10 -6.35 -13.29 -6.39
N LEU C 11 -7.44 -12.77 -5.88
CA LEU C 11 -8.73 -13.43 -5.85
C LEU C 11 -9.60 -12.88 -6.96
N SER C 12 -10.18 -13.76 -7.75
CA SER C 12 -10.95 -13.38 -8.94
C SER C 12 -12.39 -13.84 -8.76
N LEU C 13 -13.31 -12.88 -8.66
CA LEU C 13 -14.69 -13.18 -8.28
C LEU C 13 -15.69 -12.21 -8.90
N SER C 14 -16.95 -12.54 -8.76
CA SER C 14 -18.04 -11.72 -9.25
C SER C 14 -18.86 -11.15 -8.12
N PRO C 15 -19.53 -10.03 -8.34
CA PRO C 15 -20.42 -9.49 -7.33
C PRO C 15 -21.41 -10.55 -6.86
N GLY C 16 -21.67 -10.58 -5.56
CA GLY C 16 -22.57 -11.54 -4.97
C GLY C 16 -21.88 -12.78 -4.47
N GLU C 17 -20.65 -13.03 -4.90
CA GLU C 17 -19.91 -14.21 -4.43
C GLU C 17 -19.12 -13.89 -3.17
N ARG C 18 -18.61 -14.93 -2.53
CA ARG C 18 -17.93 -14.77 -1.25
C ARG C 18 -16.43 -14.66 -1.48
N ALA C 19 -15.79 -13.72 -0.79
CA ALA C 19 -14.34 -13.58 -0.83
C ALA C 19 -13.77 -14.06 0.48
N THR C 20 -12.80 -14.95 0.41
CA THR C 20 -12.03 -15.37 1.57
C THR C 20 -10.54 -15.15 1.31
N LEU C 21 -9.94 -14.32 2.15
CA LEU C 21 -8.56 -13.87 2.07
C LEU C 21 -7.82 -14.36 3.30
N SER C 22 -6.63 -14.92 3.08
CA SER C 22 -5.88 -15.55 4.16
C SER C 22 -4.63 -14.76 4.49
N CYS C 23 -4.31 -14.74 5.78
CA CYS C 23 -3.10 -14.10 6.29
C CYS C 23 -2.50 -15.01 7.34
N ARG C 24 -1.25 -15.43 7.10
CA ARG C 24 -0.49 -16.29 8.00
C ARG C 24 0.65 -15.50 8.62
N GLN C 25 0.74 -15.55 9.93
CA GLN C 25 1.70 -14.83 10.74
C GLN C 25 2.83 -15.76 11.21
N SER C 26 4.05 -15.19 11.31
CA SER C 26 5.25 -15.98 11.60
C SER C 26 5.18 -16.68 12.95
N GLN C 27 4.62 -16.00 13.96
CA GLN C 27 4.51 -16.53 15.31
C GLN C 27 3.14 -16.18 15.87
N SER C 28 2.69 -16.97 16.83
CA SER C 28 1.59 -16.55 17.69
C SER C 28 2.13 -15.65 18.79
N VAL C 29 1.28 -14.78 19.33
CA VAL C 29 1.74 -13.75 20.26
C VAL C 29 0.86 -13.64 21.50
N GLY C 30 -0.07 -14.56 21.68
CA GLY C 30 -0.84 -14.65 22.91
C GLY C 30 -2.20 -13.98 22.84
N TRP C 31 -2.44 -13.23 21.77
CA TRP C 31 -3.74 -12.70 21.39
C TRP C 31 -3.69 -12.45 19.89
N SER C 32 -4.69 -11.72 19.37
CA SER C 32 -4.80 -11.57 17.91
C SER C 32 -4.79 -10.11 17.49
N PRO C 33 -3.66 -9.39 17.66
CA PRO C 33 -3.55 -8.01 17.12
C PRO C 33 -3.34 -8.10 15.62
N LEU C 34 -4.39 -8.49 14.91
CA LEU C 34 -4.35 -8.68 13.46
C LEU C 34 -5.43 -7.79 12.84
N ALA C 35 -4.99 -6.89 11.96
CA ALA C 35 -5.87 -5.94 11.31
C ALA C 35 -5.90 -6.16 9.80
N TRP C 36 -6.99 -5.75 9.20
CA TRP C 36 -7.14 -5.80 7.75
C TRP C 36 -7.51 -4.40 7.26
N TYR C 37 -6.89 -3.99 6.15
CA TYR C 37 -7.09 -2.70 5.50
C TYR C 37 -7.51 -2.90 4.06
N GLN C 38 -8.38 -2.02 3.56
CA GLN C 38 -8.69 -1.93 2.14
C GLN C 38 -7.96 -0.75 1.54
N GLN C 39 -7.52 -0.92 0.30
CA GLN C 39 -6.98 0.21 -0.44
C GLN C 39 -7.38 0.17 -1.90
N LYS C 40 -7.96 1.27 -2.37
CA LYS C 40 -8.32 1.54 -3.77
C LYS C 40 -7.26 2.44 -4.44
N PRO C 41 -7.14 2.44 -5.76
CA PRO C 41 -6.07 3.23 -6.40
C PRO C 41 -6.17 4.69 -6.06
N GLY C 42 -5.03 5.28 -5.76
CA GLY C 42 -4.99 6.70 -5.43
C GLY C 42 -5.59 7.10 -4.09
N GLN C 43 -5.93 6.15 -3.23
CA GLN C 43 -6.53 6.48 -1.95
C GLN C 43 -5.70 5.88 -0.82
N ALA C 44 -5.89 6.43 0.38
CA ALA C 44 -5.20 5.88 1.53
C ALA C 44 -5.82 4.55 1.96
N PRO C 45 -5.09 3.72 2.70
CA PRO C 45 -5.70 2.52 3.29
C PRO C 45 -6.80 2.88 4.25
N ARG C 46 -7.75 1.94 4.36
CA ARG C 46 -8.89 2.08 5.27
C ARG C 46 -8.95 0.85 6.19
N LEU C 47 -9.00 1.08 7.49
CA LEU C 47 -9.18 -0.04 8.42
C LEU C 47 -10.56 -0.68 8.27
N LEU C 48 -10.59 -2.01 8.12
CA LEU C 48 -11.81 -2.81 8.07
C LEU C 48 -12.06 -3.59 9.34
N ILE C 49 -11.04 -4.37 9.76
CA ILE C 49 -11.18 -5.29 10.88
C ILE C 49 -9.92 -5.24 11.73
N TYR C 50 -10.10 -5.42 13.02
CA TYR C 50 -9.02 -5.42 13.99
C TYR C 50 -9.34 -6.46 15.06
N GLY C 51 -8.31 -6.87 15.77
CA GLY C 51 -8.46 -7.90 16.80
C GLY C 51 -8.94 -9.18 16.18
N ALA C 52 -8.61 -9.38 14.90
CA ALA C 52 -8.98 -10.55 14.11
C ALA C 52 -10.44 -10.50 13.65
N PHE C 53 -11.40 -10.03 14.51
CA PHE C 53 -12.82 -10.21 14.21
C PHE C 53 -13.68 -8.97 14.45
N SER C 54 -13.14 -7.88 14.96
CA SER C 54 -13.94 -6.69 15.23
C SER C 54 -13.99 -5.79 14.00
N ARG C 55 -15.19 -5.32 13.65
CA ARG C 55 -15.33 -4.36 12.58
C ARG C 55 -15.05 -2.96 13.07
N ALA C 56 -14.35 -2.17 12.26
CA ALA C 56 -14.10 -0.78 12.58
C ALA C 56 -15.33 0.08 12.24
N THR C 57 -15.29 1.34 12.66
CA THR C 57 -16.47 2.18 12.56
C THR C 57 -16.92 2.37 11.11
N GLY C 58 -18.24 2.20 10.88
CA GLY C 58 -18.78 2.49 9.57
C GLY C 58 -18.47 1.46 8.53
N ILE C 59 -17.85 0.36 8.92
CA ILE C 59 -17.57 -0.72 7.98
C ILE C 59 -18.83 -1.58 7.82
N PRO C 60 -19.23 -1.90 6.59
CA PRO C 60 -20.43 -2.72 6.37
C PRO C 60 -20.32 -4.10 7.01
N ASP C 61 -21.48 -4.65 7.34
CA ASP C 61 -21.56 -5.95 8.00
C ASP C 61 -21.08 -7.11 7.14
N ARG C 62 -20.96 -6.93 5.82
CA ARG C 62 -20.52 -8.04 5.01
C ARG C 62 -19.06 -8.35 5.23
N PHE C 63 -18.31 -7.47 5.89
CA PHE C 63 -16.92 -7.72 6.23
C PHE C 63 -16.83 -8.40 7.58
N SER C 64 -16.16 -9.54 7.62
CA SER C 64 -15.94 -10.22 8.88
C SER C 64 -14.54 -10.81 8.90
N GLY C 65 -14.07 -11.10 10.11
CA GLY C 65 -12.77 -11.70 10.26
C GLY C 65 -12.82 -12.85 11.24
N SER C 66 -11.90 -13.79 11.07
CA SER C 66 -11.81 -14.91 11.98
C SER C 66 -10.35 -15.37 12.03
N GLY C 67 -10.08 -16.25 12.99
CA GLY C 67 -8.77 -16.83 13.14
C GLY C 67 -8.18 -16.56 14.51
N SER C 68 -7.01 -17.18 14.72
CA SER C 68 -6.28 -17.12 15.98
C SER C 68 -4.90 -17.72 15.77
N GLY C 69 -4.04 -17.53 16.77
CA GLY C 69 -2.69 -18.04 16.68
C GLY C 69 -1.95 -17.42 15.51
N THR C 70 -1.73 -18.20 14.43
CA THR C 70 -0.96 -17.71 13.28
C THR C 70 -1.79 -17.56 12.02
N ASP C 71 -3.05 -18.04 11.98
CA ASP C 71 -3.80 -18.14 10.73
C ASP C 71 -5.07 -17.33 10.84
N PHE C 72 -5.25 -16.35 9.95
CA PHE C 72 -6.35 -15.40 10.03
C PHE C 72 -6.98 -15.27 8.66
N THR C 73 -8.27 -14.93 8.67
CA THR C 73 -9.01 -14.77 7.43
C THR C 73 -9.94 -13.55 7.48
N LEU C 74 -10.03 -12.91 6.33
CA LEU C 74 -11.00 -11.84 6.09
C LEU C 74 -12.04 -12.41 5.15
N THR C 75 -13.31 -12.25 5.48
CA THR C 75 -14.38 -12.70 4.62
C THR C 75 -15.24 -11.51 4.22
N ILE C 76 -15.54 -11.43 2.94
CA ILE C 76 -16.55 -10.55 2.40
C ILE C 76 -17.66 -11.50 1.98
N SER C 77 -18.74 -11.51 2.73
CA SER C 77 -19.77 -12.53 2.59
C SER C 77 -20.38 -12.55 1.19
N ARG C 78 -20.84 -11.40 0.70
CA ARG C 78 -21.42 -11.23 -0.64
C ARG C 78 -20.79 -9.97 -1.23
N LEU C 79 -19.86 -10.16 -2.16
CA LEU C 79 -19.06 -9.05 -2.68
C LEU C 79 -19.93 -8.00 -3.35
N GLU C 80 -19.64 -6.73 -3.12
CA GLU C 80 -20.24 -5.66 -3.88
C GLU C 80 -19.23 -5.07 -4.84
N PRO C 81 -19.70 -4.44 -5.91
CA PRO C 81 -18.78 -3.82 -6.88
C PRO C 81 -17.82 -2.84 -6.24
N GLU C 82 -18.18 -2.13 -5.17
CA GLU C 82 -17.26 -1.21 -4.51
C GLU C 82 -16.17 -1.92 -3.74
N ASP C 83 -16.18 -3.24 -3.68
CA ASP C 83 -15.20 -3.99 -2.89
C ASP C 83 -14.01 -4.45 -3.71
N PHE C 84 -14.01 -4.31 -5.04
CA PHE C 84 -12.82 -4.72 -5.79
C PHE C 84 -11.72 -3.71 -5.49
N ALA C 85 -10.59 -4.18 -4.95
CA ALA C 85 -9.63 -3.36 -4.25
C ALA C 85 -8.48 -4.30 -3.84
N VAL C 86 -7.47 -3.69 -3.27
CA VAL C 86 -6.37 -4.44 -2.65
C VAL C 86 -6.60 -4.50 -1.15
N TYR C 87 -6.28 -5.63 -0.53
CA TYR C 87 -6.51 -5.83 0.91
C TYR C 87 -5.20 -6.23 1.59
N TYR C 88 -4.84 -5.55 2.67
CA TYR C 88 -3.62 -5.87 3.41
C TYR C 88 -3.96 -6.35 4.81
N CYS C 89 -3.21 -7.33 5.31
CA CYS C 89 -3.22 -7.59 6.74
C CYS C 89 -2.00 -6.98 7.40
N GLN C 90 -2.08 -6.87 8.72
CA GLN C 90 -1.05 -6.19 9.49
C GLN C 90 -1.07 -6.77 10.89
N GLN C 91 0.10 -6.96 11.46
CA GLN C 91 0.19 -7.27 12.89
C GLN C 91 0.56 -5.98 13.60
N TYR C 92 -0.10 -5.69 14.73
CA TYR C 92 0.16 -4.46 15.47
C TYR C 92 0.43 -4.71 16.95
N GLY C 93 0.85 -5.92 17.29
CA GLY C 93 1.19 -6.24 18.66
C GLY C 93 2.59 -5.88 19.07
N GLN C 94 3.46 -5.62 18.11
CA GLN C 94 4.82 -5.27 18.45
C GLN C 94 5.47 -4.52 17.31
N SER C 95 6.44 -3.70 17.65
CA SER C 95 7.28 -3.07 16.63
C SER C 95 8.38 -4.04 16.15
N PRO C 96 8.80 -3.91 14.90
CA PRO C 96 8.26 -3.08 13.83
C PRO C 96 6.85 -3.54 13.53
N TRP C 97 5.94 -2.58 13.35
CA TRP C 97 4.61 -2.89 12.82
C TRP C 97 4.78 -3.41 11.40
N THR C 98 4.21 -4.59 11.09
CA THR C 98 4.46 -5.18 9.77
C THR C 98 3.17 -5.51 9.04
N PHE C 99 3.26 -5.57 7.72
CA PHE C 99 2.12 -5.79 6.83
C PHE C 99 2.38 -6.97 5.91
N GLY C 100 1.30 -7.64 5.51
CA GLY C 100 1.32 -8.54 4.39
C GLY C 100 1.55 -7.80 3.09
N GLN C 101 1.84 -8.58 2.05
CA GLN C 101 2.15 -8.05 0.73
C GLN C 101 0.91 -7.67 -0.06
N GLY C 102 -0.28 -7.98 0.43
CA GLY C 102 -1.49 -7.58 -0.26
C GLY C 102 -2.11 -8.68 -1.09
N THR C 103 -3.43 -8.69 -1.11
CA THR C 103 -4.24 -9.54 -1.99
C THR C 103 -5.17 -8.65 -2.81
N LYS C 104 -5.10 -8.79 -4.12
CA LYS C 104 -5.96 -8.01 -5.02
C LYS C 104 -7.22 -8.82 -5.23
N VAL C 105 -8.36 -8.20 -5.02
CA VAL C 105 -9.65 -8.77 -5.37
C VAL C 105 -10.11 -8.09 -6.64
N GLU C 106 -10.14 -8.87 -7.73
CA GLU C 106 -10.43 -8.41 -9.08
C GLU C 106 -11.70 -9.07 -9.60
N ILE C 107 -12.21 -8.53 -10.71
CA ILE C 107 -13.39 -9.07 -11.38
C ILE C 107 -12.99 -10.29 -12.20
N LYS C 108 -13.76 -11.38 -12.02
CA LYS C 108 -13.56 -12.58 -12.81
C LYS C 108 -14.33 -12.48 -14.11
N ARG C 109 -13.70 -12.92 -15.18
CA ARG C 109 -14.38 -13.04 -16.47
C ARG C 109 -13.81 -14.27 -17.16
N THR C 110 -14.32 -14.58 -18.34
CA THR C 110 -13.80 -15.71 -19.08
C THR C 110 -12.37 -15.46 -19.58
N VAL C 111 -11.68 -16.58 -19.81
CA VAL C 111 -10.39 -16.50 -20.47
C VAL C 111 -10.47 -15.81 -21.81
N ALA C 112 -9.51 -14.94 -22.05
CA ALA C 112 -9.37 -14.25 -23.33
C ALA C 112 -7.88 -14.22 -23.65
N ALA C 113 -7.49 -14.83 -24.77
CA ALA C 113 -6.08 -14.79 -25.14
C ALA C 113 -5.70 -13.41 -25.65
N PRO C 114 -4.47 -12.98 -25.41
CA PRO C 114 -4.04 -11.67 -25.92
C PRO C 114 -3.94 -11.67 -27.44
N SER C 115 -4.24 -10.53 -28.02
CA SER C 115 -3.77 -10.21 -29.36
C SER C 115 -2.37 -9.63 -29.19
N VAL C 116 -1.41 -10.12 -29.97
CA VAL C 116 -0.02 -9.75 -29.82
C VAL C 116 0.45 -8.98 -31.04
N PHE C 117 1.21 -7.90 -30.78
CA PHE C 117 1.74 -7.01 -31.79
C PHE C 117 3.17 -6.65 -31.44
N ILE C 118 4.05 -6.63 -32.44
CA ILE C 118 5.44 -6.23 -32.22
C ILE C 118 5.71 -4.94 -33.00
N PHE C 119 6.52 -4.02 -32.42
CA PHE C 119 6.85 -2.74 -33.05
C PHE C 119 8.35 -2.56 -33.12
N PRO C 120 8.91 -2.36 -34.31
CA PRO C 120 10.34 -2.01 -34.41
C PRO C 120 10.60 -0.63 -33.87
N PRO C 121 11.85 -0.28 -33.58
CA PRO C 121 12.18 1.11 -33.26
C PRO C 121 11.87 1.94 -34.49
N SER C 122 11.46 3.18 -34.26
CA SER C 122 11.30 4.13 -35.34
C SER C 122 12.68 4.56 -35.86
N ASP C 123 12.72 5.00 -37.12
CA ASP C 123 13.95 5.58 -37.64
C ASP C 123 14.29 6.86 -36.89
N GLU C 124 13.28 7.64 -36.51
CA GLU C 124 13.56 8.88 -35.78
C GLU C 124 14.32 8.57 -34.49
N GLN C 125 13.92 7.52 -33.76
CA GLN C 125 14.58 7.18 -32.50
C GLN C 125 16.00 6.67 -32.73
N LEU C 126 16.18 5.85 -33.75
CA LEU C 126 17.50 5.30 -34.01
C LEU C 126 18.51 6.40 -34.28
N LYS C 127 18.07 7.46 -34.96
CA LYS C 127 18.93 8.60 -35.19
C LYS C 127 19.47 9.17 -33.88
N SER C 128 18.72 9.02 -32.79
CA SER C 128 19.17 9.47 -31.47
C SER C 128 20.09 8.48 -30.77
N GLY C 129 20.26 7.27 -31.29
CA GLY C 129 21.25 6.35 -30.76
C GLY C 129 20.71 5.18 -29.96
N THR C 130 19.44 5.14 -29.64
CA THR C 130 18.86 4.04 -28.89
C THR C 130 17.74 3.41 -29.70
N ALA C 131 17.47 2.13 -29.44
CA ALA C 131 16.41 1.39 -30.12
C ALA C 131 15.49 0.81 -29.07
N SER C 132 14.23 1.22 -29.09
CA SER C 132 13.19 0.63 -28.27
C SER C 132 12.35 -0.31 -29.13
N VAL C 133 12.23 -1.56 -28.71
CA VAL C 133 11.38 -2.54 -29.38
C VAL C 133 10.22 -2.85 -28.45
N VAL C 134 9.00 -2.75 -28.96
CA VAL C 134 7.82 -2.88 -28.12
C VAL C 134 7.00 -4.09 -28.53
N CYS C 135 6.59 -4.87 -27.54
CA CYS C 135 5.64 -5.94 -27.70
C CYS C 135 4.39 -5.58 -26.92
N LEU C 136 3.27 -5.64 -27.60
CA LEU C 136 1.98 -5.35 -27.00
C LEU C 136 1.16 -6.62 -26.89
N LEU C 137 0.65 -6.89 -25.69
CA LEU C 137 -0.36 -7.93 -25.46
C LEU C 137 -1.67 -7.22 -25.12
N ASN C 138 -2.68 -7.41 -25.95
CA ASN C 138 -3.90 -6.61 -25.88
C ASN C 138 -5.11 -7.40 -25.41
N ASN C 139 -5.84 -6.86 -24.41
CA ASN C 139 -7.16 -7.32 -23.95
C ASN C 139 -7.19 -8.83 -23.68
N PHE C 140 -6.46 -9.22 -22.63
CA PHE C 140 -6.34 -10.61 -22.25
C PHE C 140 -6.80 -10.76 -20.81
N TYR C 141 -7.15 -12.01 -20.47
CA TYR C 141 -7.59 -12.34 -19.12
C TYR C 141 -7.32 -13.84 -18.97
N PRO C 142 -6.76 -14.29 -17.85
CA PRO C 142 -6.33 -13.58 -16.65
C PRO C 142 -5.03 -12.82 -16.79
N ARG C 143 -4.60 -12.15 -15.72
CA ARG C 143 -3.48 -11.21 -15.76
C ARG C 143 -2.15 -11.90 -16.04
N GLU C 144 -1.98 -13.15 -15.59
CA GLU C 144 -0.68 -13.81 -15.67
C GLU C 144 -0.26 -13.95 -17.12
N ALA C 145 0.97 -13.55 -17.41
CA ALA C 145 1.49 -13.68 -18.77
C ALA C 145 3.01 -13.65 -18.73
N LYS C 146 3.60 -14.42 -19.65
CA LYS C 146 5.04 -14.48 -19.85
C LYS C 146 5.38 -13.89 -21.21
N VAL C 147 6.27 -12.91 -21.22
CA VAL C 147 6.79 -12.33 -22.46
C VAL C 147 8.29 -12.53 -22.48
N GLN C 148 8.77 -13.31 -23.44
CA GLN C 148 10.20 -13.60 -23.59
C GLN C 148 10.68 -12.93 -24.87
N TRP C 149 11.76 -12.17 -24.76
CA TRP C 149 12.39 -11.57 -25.93
C TRP C 149 13.51 -12.47 -26.44
N LYS C 150 13.54 -12.68 -27.76
CA LYS C 150 14.67 -13.33 -28.41
C LYS C 150 15.18 -12.47 -29.55
N VAL C 151 16.51 -12.33 -29.61
CA VAL C 151 17.15 -11.61 -30.68
C VAL C 151 18.09 -12.59 -31.39
N ASP C 152 17.86 -12.83 -32.66
CA ASP C 152 18.65 -13.83 -33.39
C ASP C 152 18.53 -15.16 -32.70
N ASN C 153 17.54 -15.30 -31.83
CA ASN C 153 17.23 -16.56 -31.17
C ASN C 153 17.85 -16.68 -29.82
N ALA C 154 18.61 -15.68 -29.42
CA ALA C 154 19.12 -15.72 -28.10
C ALA C 154 18.08 -15.09 -27.21
N LEU C 155 17.95 -15.60 -26.00
CA LEU C 155 17.00 -15.07 -25.06
C LEU C 155 17.60 -13.91 -24.36
N GLN C 156 16.80 -12.89 -24.15
CA GLN C 156 17.27 -11.70 -23.52
C GLN C 156 16.97 -11.67 -22.03
N SER C 157 17.82 -10.99 -21.27
CA SER C 157 17.58 -10.85 -19.84
C SER C 157 18.17 -9.53 -19.39
N GLY C 158 17.39 -8.80 -18.59
CA GLY C 158 17.85 -7.58 -17.96
C GLY C 158 17.70 -6.32 -18.80
N ASN C 159 17.27 -6.45 -20.05
CA ASN C 159 17.19 -5.31 -20.96
C ASN C 159 15.75 -4.99 -21.37
N SER C 160 14.74 -5.51 -20.65
CA SER C 160 13.35 -5.26 -20.93
C SER C 160 12.60 -4.84 -19.66
N GLN C 161 11.41 -4.28 -19.89
CA GLN C 161 10.66 -3.64 -18.80
C GLN C 161 9.18 -3.73 -19.19
N GLU C 162 8.33 -4.21 -18.27
CA GLU C 162 6.91 -4.39 -18.54
C GLU C 162 6.05 -3.37 -17.80
N SER C 163 4.87 -3.12 -18.37
CA SER C 163 3.85 -2.29 -17.76
C SER C 163 2.48 -2.85 -18.10
N VAL C 164 1.56 -2.76 -17.16
CA VAL C 164 0.25 -3.39 -17.32
C VAL C 164 -0.82 -2.36 -16.93
N THR C 165 -1.93 -2.37 -17.67
CA THR C 165 -3.06 -1.51 -17.32
C THR C 165 -3.86 -2.12 -16.17
N GLU C 166 -4.69 -1.29 -15.57
CA GLU C 166 -5.68 -1.78 -14.65
C GLU C 166 -6.80 -2.46 -15.46
N GLN C 167 -7.57 -3.29 -14.74
CA GLN C 167 -8.66 -4.02 -15.37
C GLN C 167 -9.57 -3.05 -16.11
N ASP C 168 -9.90 -3.37 -17.36
CA ASP C 168 -10.71 -2.49 -18.19
C ASP C 168 -12.14 -2.41 -17.68
N SER C 169 -12.67 -1.19 -17.68
CA SER C 169 -13.97 -0.97 -17.05
C SER C 169 -15.10 -1.54 -17.87
N LYS C 170 -14.89 -1.77 -19.16
CA LYS C 170 -15.93 -2.30 -20.03
C LYS C 170 -15.86 -3.82 -20.18
N ASP C 171 -14.66 -4.36 -20.38
CA ASP C 171 -14.53 -5.77 -20.70
C ASP C 171 -13.68 -6.54 -19.68
N SER C 172 -13.26 -5.90 -18.60
CA SER C 172 -12.52 -6.55 -17.51
C SER C 172 -11.25 -7.27 -17.96
N THR C 173 -10.66 -6.90 -19.10
CA THR C 173 -9.37 -7.45 -19.50
C THR C 173 -8.20 -6.56 -19.05
N TYR C 174 -7.00 -7.08 -19.26
CA TYR C 174 -5.75 -6.40 -19.06
C TYR C 174 -5.07 -6.23 -20.42
N SER C 175 -4.21 -5.22 -20.51
CA SER C 175 -3.28 -5.13 -21.61
C SER C 175 -1.89 -4.90 -21.03
N LEU C 176 -0.86 -5.28 -21.74
CA LEU C 176 0.50 -5.28 -21.23
C LEU C 176 1.44 -4.91 -22.35
N SER C 177 2.40 -4.05 -22.04
CA SER C 177 3.54 -3.81 -22.90
C SER C 177 4.83 -4.37 -22.32
N SER C 178 5.68 -4.92 -23.19
CA SER C 178 7.08 -5.20 -22.91
C SER C 178 7.96 -4.41 -23.84
N THR C 179 8.91 -3.67 -23.28
CA THR C 179 9.82 -2.81 -24.03
C THR C 179 11.24 -3.30 -23.83
N LEU C 180 11.87 -3.70 -24.93
CA LEU C 180 13.27 -4.07 -24.99
C LEU C 180 14.08 -2.86 -25.44
N THR C 181 15.07 -2.46 -24.66
CA THR C 181 15.89 -1.30 -24.98
C THR C 181 17.31 -1.75 -25.28
N LEU C 182 17.74 -1.49 -26.52
CA LEU C 182 19.10 -1.77 -26.97
C LEU C 182 19.76 -0.49 -27.44
N SER C 183 21.09 -0.49 -27.47
CA SER C 183 21.78 0.58 -28.19
C SER C 183 21.53 0.40 -29.67
N LYS C 184 21.65 1.51 -30.43
CA LYS C 184 21.58 1.37 -31.88
C LYS C 184 22.67 0.44 -32.37
N ALA C 185 23.88 0.59 -31.82
CA ALA C 185 24.98 -0.30 -32.20
C ALA C 185 24.55 -1.75 -32.10
N ASP C 186 23.97 -2.14 -30.97
CA ASP C 186 23.55 -3.53 -30.81
C ASP C 186 22.32 -3.86 -31.65
N TYR C 187 21.39 -2.91 -31.79
CA TYR C 187 20.24 -3.16 -32.64
C TYR C 187 20.68 -3.50 -34.05
N GLU C 188 21.68 -2.76 -34.57
CA GLU C 188 22.13 -2.94 -35.94
C GLU C 188 22.90 -4.25 -36.10
N LYS C 189 23.49 -4.76 -35.02
CA LYS C 189 24.19 -6.03 -35.10
C LYS C 189 23.28 -7.18 -35.53
N HIS C 190 22.05 -7.24 -35.01
CA HIS C 190 21.24 -8.43 -35.16
C HIS C 190 20.09 -8.22 -36.14
N LYS C 191 19.42 -9.34 -36.48
CA LYS C 191 18.42 -9.38 -37.55
C LYS C 191 17.02 -9.73 -37.06
N VAL C 192 16.84 -10.86 -36.39
CA VAL C 192 15.50 -11.33 -36.01
C VAL C 192 15.19 -10.83 -34.61
N TYR C 193 14.13 -10.04 -34.49
CA TYR C 193 13.62 -9.58 -33.20
C TYR C 193 12.26 -10.20 -32.97
N ALA C 194 12.11 -10.91 -31.85
CA ALA C 194 10.87 -11.65 -31.65
C ALA C 194 10.40 -11.61 -30.20
N CYS C 195 9.08 -11.58 -30.09
CA CYS C 195 8.36 -11.54 -28.83
C CYS C 195 7.53 -12.81 -28.71
N GLU C 196 7.80 -13.62 -27.68
CA GLU C 196 7.08 -14.87 -27.49
C GLU C 196 6.23 -14.79 -26.23
N VAL C 197 4.95 -15.07 -26.38
CA VAL C 197 3.94 -14.82 -25.37
C VAL C 197 3.31 -16.14 -24.93
N THR C 198 3.39 -16.42 -23.63
CA THR C 198 2.65 -17.53 -23.05
C THR C 198 1.50 -16.99 -22.19
N HIS C 199 0.33 -17.55 -22.39
CA HIS C 199 -0.85 -17.08 -21.70
C HIS C 199 -1.82 -18.23 -21.64
N GLN C 200 -2.78 -18.12 -20.71
CA GLN C 200 -3.71 -19.22 -20.54
C GLN C 200 -4.62 -19.41 -21.74
N GLY C 201 -4.98 -18.37 -22.45
CA GLY C 201 -5.83 -18.57 -23.60
C GLY C 201 -5.13 -19.08 -24.84
N LEU C 202 -3.84 -19.39 -24.75
CA LEU C 202 -3.04 -19.85 -25.89
C LEU C 202 -2.61 -21.28 -25.59
N SER C 203 -3.04 -22.22 -26.44
CA SER C 203 -2.61 -23.61 -26.27
C SER C 203 -1.10 -23.74 -26.26
N SER C 204 -0.41 -22.92 -27.06
CA SER C 204 1.03 -22.91 -27.14
C SER C 204 1.48 -21.49 -27.43
N PRO C 205 2.73 -21.16 -27.13
CA PRO C 205 3.17 -19.76 -27.23
C PRO C 205 2.98 -19.19 -28.63
N VAL C 206 2.58 -17.93 -28.67
CA VAL C 206 2.55 -17.16 -29.91
C VAL C 206 3.84 -16.36 -29.97
N THR C 207 4.39 -16.26 -31.19
CA THR C 207 5.57 -15.45 -31.46
C THR C 207 5.22 -14.46 -32.56
N LYS C 208 5.55 -13.21 -32.31
CA LYS C 208 5.53 -12.13 -33.30
C LYS C 208 6.96 -11.65 -33.43
N SER C 209 7.40 -11.44 -34.67
CA SER C 209 8.78 -11.10 -34.93
C SER C 209 8.84 -10.20 -36.16
N PHE C 210 9.96 -9.48 -36.27
CA PHE C 210 10.29 -8.75 -37.48
C PHE C 210 11.78 -8.91 -37.73
N ASN C 211 12.17 -8.56 -38.94
CA ASN C 211 13.55 -8.58 -39.39
C ASN C 211 14.03 -7.14 -39.51
N ARG C 212 15.04 -6.77 -38.76
CA ARG C 212 15.52 -5.40 -38.81
C ARG C 212 15.69 -4.98 -40.25
N GLY C 213 14.93 -3.96 -40.65
CA GLY C 213 14.74 -3.63 -42.05
C GLY C 213 13.79 -4.59 -42.75
C1 NAG D . -9.19 -14.23 25.19
C2 NAG D . -8.46 -15.44 25.67
C3 NAG D . -8.16 -16.36 24.49
C4 NAG D . -9.42 -16.70 23.70
C5 NAG D . -10.15 -15.42 23.30
C6 NAG D . -11.47 -15.67 22.57
C7 NAG D . -7.07 -15.12 27.67
C8 NAG D . -5.74 -14.65 28.18
N2 NAG D . -7.24 -15.05 26.35
O3 NAG D . -7.57 -17.55 25.00
O4 NAG D . -9.03 -17.36 22.51
O5 NAG D . -10.43 -14.64 24.48
O6 NAG D . -12.40 -16.42 23.33
O7 NAG D . -7.93 -15.55 28.42
C1 NAG D . -9.50 -18.71 22.53
C2 NAG D . -9.35 -19.21 21.08
C3 NAG D . -9.59 -20.72 20.98
C4 NAG D . -8.77 -21.46 22.03
C5 NAG D . -9.11 -20.90 23.40
C6 NAG D . -8.32 -21.54 24.53
C7 NAG D . -9.96 -17.39 19.53
C8 NAG D . -11.06 -16.78 18.70
N2 NAG D . -10.27 -18.50 20.21
O3 NAG D . -9.23 -21.17 19.67
O4 NAG D . -8.87 -22.88 21.98
O5 NAG D . -8.75 -19.51 23.40
O6 NAG D . -6.97 -21.77 24.14
O7 NAG D . -8.85 -16.88 19.59
C1 BMA D . -10.14 -23.53 21.74
C2 BMA D . -10.44 -23.53 20.23
C3 BMA D . -11.68 -24.35 19.92
C4 BMA D . -11.56 -25.77 20.50
C5 BMA D . -11.29 -25.71 22.02
C6 BMA D . -11.11 -27.10 22.69
O2 BMA D . -9.33 -24.13 19.53
O3 BMA D . -11.93 -24.39 18.52
O4 BMA D . -12.75 -26.53 20.23
O5 BMA D . -10.13 -24.88 22.29
O6 BMA D . -9.80 -27.63 22.38
C1 FUC D . -13.53 -16.78 22.52
C2 FUC D . -14.07 -18.03 23.08
C3 FUC D . -14.66 -17.84 24.50
C4 FUC D . -15.62 -16.63 24.56
C5 FUC D . -15.01 -15.43 23.87
C6 FUC D . -16.01 -14.28 23.67
O2 FUC D . -13.06 -19.07 23.08
O3 FUC D . -15.40 -19.00 24.93
O4 FUC D . -16.87 -16.93 23.92
O5 FUC D . -14.50 -15.79 22.56
#